data_1TJY
#
_entry.id   1TJY
#
_cell.length_a   37.824
_cell.length_b   76.623
_cell.length_c   109.581
_cell.angle_alpha   90.00
_cell.angle_beta   90.00
_cell.angle_gamma   90.00
#
_symmetry.space_group_name_H-M   'P 21 21 21'
#
loop_
_entity.id
_entity.type
_entity.pdbx_description
1 polymer 'sugar transport protein'
2 non-polymer (2R,4S)-2-methyl-2,3,3,4-tetrahydroxytetrahydrofuran
3 water water
#
_entity_poly.entity_id   1
_entity_poly.type   'polypeptide(L)'
_entity_poly.pdbx_seq_one_letter_code
;GSAERIAFIPKLVGVGFFTSGGNGAQEAGKALGIDVTYDGPTEPSVSGQVQLVNNFVNQGYDAIIVSAVSPDGLCPALKR
AMQRGVKILTWDSDTKPECRSYYINQGTPKQLGSMLVEMAAHQVDKEKAKVAFFYSSPTVTDQNQWVKEAKAKISQEHPG
WEIVTTQFGYNDATKSLQTAEGIIKAYPDLDAIIAPDANALPAAAQAAENLKRNNLAIVGFSTPNVMRPYVQRGTVKEFG
LWDVVQQGKISVYVANALLKNMPMNVGDSLDIPGIGKVTVSPNSEQGYHYEAKGNGIVLLPERVIFNKDNIDKYDF
;
_entity_poly.pdbx_strand_id   A
#
# COMPACT_ATOMS: atom_id res chain seq x y z
N GLY A 1 18.30 15.83 25.35
CA GLY A 1 19.40 15.00 24.78
C GLY A 1 19.34 14.97 23.26
N SER A 2 20.21 14.16 22.66
CA SER A 2 20.29 14.07 21.20
C SER A 2 18.94 13.68 20.60
N ALA A 3 18.57 14.35 19.51
CA ALA A 3 17.29 14.12 18.87
C ALA A 3 17.13 12.67 18.43
N GLU A 4 15.91 12.17 18.53
CA GLU A 4 15.60 10.82 18.09
C GLU A 4 15.66 10.71 16.58
N ARG A 5 15.96 9.52 16.10
CA ARG A 5 16.13 9.24 14.69
C ARG A 5 15.24 8.08 14.29
N ILE A 6 14.45 8.29 13.26
CA ILE A 6 13.52 7.31 12.73
C ILE A 6 13.79 7.11 11.25
N ALA A 7 13.82 5.86 10.81
CA ALA A 7 13.96 5.53 9.40
C ALA A 7 12.58 5.20 8.83
N PHE A 8 12.31 5.66 7.62
CA PHE A 8 11.06 5.41 6.92
C PHE A 8 11.44 4.79 5.58
N ILE A 9 11.10 3.51 5.40
CA ILE A 9 11.58 2.70 4.28
C ILE A 9 10.42 2.30 3.40
N PRO A 10 10.45 2.66 2.12
CA PRO A 10 9.44 2.22 1.16
C PRO A 10 9.82 0.88 0.53
N LYS A 11 8.90 0.29 -0.23
CA LYS A 11 9.24 -0.87 -1.05
C LYS A 11 10.33 -0.53 -2.05
N LEU A 12 10.22 0.65 -2.65
CA LEU A 12 11.24 1.19 -3.54
C LEU A 12 11.08 2.70 -3.59
N VAL A 13 12.14 3.40 -3.97
CA VAL A 13 12.09 4.83 -4.19
C VAL A 13 11.74 5.14 -5.64
N GLY A 14 11.40 6.40 -5.91
CA GLY A 14 11.15 6.87 -7.26
C GLY A 14 9.76 6.57 -7.81
N VAL A 15 8.85 6.16 -6.94
CA VAL A 15 7.44 5.93 -7.29
C VAL A 15 6.64 6.92 -6.44
N GLY A 16 5.69 7.61 -7.04
CA GLY A 16 4.98 8.70 -6.39
C GLY A 16 4.38 8.34 -5.05
N PHE A 17 3.76 7.17 -4.97
CA PHE A 17 3.15 6.70 -3.72
C PHE A 17 4.15 6.78 -2.57
N PHE A 18 5.35 6.25 -2.80
CA PHE A 18 6.37 6.20 -1.77
C PHE A 18 7.02 7.55 -1.49
N THR A 19 7.27 8.32 -2.54
CA THR A 19 7.77 9.68 -2.35
C THR A 19 6.80 10.48 -1.47
N SER A 20 5.51 10.36 -1.75
CA SER A 20 4.50 11.11 -1.00
C SER A 20 4.36 10.62 0.45
N GLY A 21 4.40 9.30 0.66
CA GLY A 21 4.46 8.76 2.01
C GLY A 21 5.66 9.30 2.80
N GLY A 22 6.83 9.28 2.17
CA GLY A 22 8.03 9.84 2.76
C GLY A 22 7.90 11.31 3.10
N ASN A 23 7.23 12.08 2.25
CA ASN A 23 7.03 13.49 2.52
C ASN A 23 6.21 13.69 3.80
N GLY A 24 5.16 12.87 3.96
CA GLY A 24 4.34 12.96 5.16
C GLY A 24 5.10 12.58 6.42
N ALA A 25 5.91 11.53 6.31
CA ALA A 25 6.73 11.09 7.44
C ALA A 25 7.73 12.19 7.84
N GLN A 26 8.37 12.80 6.85
CA GLN A 26 9.37 13.82 7.16
C GLN A 26 8.76 15.11 7.70
N GLU A 27 7.59 15.47 7.23
CA GLU A 27 6.91 16.64 7.76
C GLU A 27 6.46 16.40 9.20
N ALA A 28 6.01 15.19 9.51
CA ALA A 28 5.69 14.83 10.89
C ALA A 28 6.93 14.90 11.77
N GLY A 29 8.06 14.45 11.26
CA GLY A 29 9.32 14.53 11.98
C GLY A 29 9.65 15.97 12.34
N LYS A 30 9.49 16.87 11.38
CA LYS A 30 9.73 18.30 11.62
C LYS A 30 8.81 18.84 12.73
N ALA A 31 7.54 18.47 12.68
CA ALA A 31 6.56 18.93 13.66
C ALA A 31 6.87 18.43 15.07
N LEU A 32 7.48 17.25 15.16
CA LEU A 32 7.76 16.56 16.42
C LEU A 32 9.20 16.70 16.91
N GLY A 33 10.06 17.37 16.13
CA GLY A 33 11.47 17.47 16.48
C GLY A 33 12.24 16.16 16.38
N ILE A 34 11.82 15.29 15.45
CA ILE A 34 12.46 14.01 15.19
C ILE A 34 13.10 14.04 13.81
N ASP A 35 14.32 13.52 13.73
CA ASP A 35 15.03 13.38 12.47
C ASP A 35 14.56 12.13 11.75
N VAL A 36 13.83 12.30 10.65
CA VAL A 36 13.31 11.17 9.87
C VAL A 36 14.11 11.00 8.58
N THR A 37 14.72 9.84 8.41
CA THR A 37 15.48 9.50 7.22
C THR A 37 14.60 8.65 6.30
N TYR A 38 14.39 9.13 5.08
CA TYR A 38 13.66 8.39 4.06
C TYR A 38 14.67 7.71 3.16
N ASP A 39 14.65 6.39 3.12
CA ASP A 39 15.59 5.66 2.26
C ASP A 39 15.03 4.31 1.90
N GLY A 40 15.17 3.95 0.64
CA GLY A 40 14.77 2.64 0.16
C GLY A 40 15.60 2.23 -1.03
N PRO A 41 15.44 0.98 -1.46
CA PRO A 41 16.16 0.50 -2.63
C PRO A 41 15.54 1.03 -3.92
N THR A 42 16.28 1.00 -5.02
CA THR A 42 15.77 1.54 -6.30
C THR A 42 14.80 0.59 -7.00
N GLU A 43 14.77 -0.66 -6.55
CA GLU A 43 13.73 -1.59 -6.96
C GLU A 43 13.38 -2.45 -5.74
N PRO A 44 12.21 -3.06 -5.73
CA PRO A 44 11.83 -3.86 -4.57
C PRO A 44 12.65 -5.13 -4.53
N SER A 45 13.29 -5.37 -3.40
CA SER A 45 13.91 -6.65 -3.15
C SER A 45 14.14 -6.82 -1.67
N VAL A 46 14.22 -8.07 -1.26
CA VAL A 46 14.49 -8.43 0.11
C VAL A 46 15.86 -7.89 0.54
N SER A 47 16.91 -8.12 -0.25
CA SER A 47 18.25 -7.66 0.15
C SER A 47 18.32 -6.15 0.28
N GLY A 48 17.61 -5.44 -0.59
CA GLY A 48 17.57 -3.98 -0.55
C GLY A 48 17.06 -3.51 0.79
N GLN A 49 15.93 -4.07 1.22
CA GLN A 49 15.32 -3.65 2.47
C GLN A 49 16.06 -4.16 3.69
N VAL A 50 16.54 -5.38 3.64
CA VAL A 50 17.24 -5.98 4.77
C VAL A 50 18.52 -5.21 5.08
N GLN A 51 19.27 -4.81 4.06
CA GLN A 51 20.47 -4.03 4.36
C GLN A 51 20.11 -2.74 5.07
N LEU A 52 19.07 -2.07 4.61
CA LEU A 52 18.68 -0.81 5.23
C LEU A 52 18.28 -1.01 6.68
N VAL A 53 17.48 -2.03 6.95
CA VAL A 53 17.10 -2.32 8.33
C VAL A 53 18.34 -2.55 9.18
N ASN A 54 19.24 -3.43 8.73
CA ASN A 54 20.45 -3.72 9.50
C ASN A 54 21.31 -2.46 9.68
N ASN A 55 21.46 -1.65 8.63
CA ASN A 55 22.24 -0.42 8.73
C ASN A 55 21.67 0.51 9.78
N PHE A 56 20.36 0.75 9.74
CA PHE A 56 19.75 1.68 10.69
C PHE A 56 19.85 1.15 12.12
N VAL A 57 19.69 -0.16 12.31
CA VAL A 57 19.89 -0.75 13.62
C VAL A 57 21.33 -0.54 14.08
N ASN A 58 22.28 -0.83 13.22
CA ASN A 58 23.70 -0.75 13.56
C ASN A 58 24.15 0.69 13.83
N GLN A 59 23.47 1.64 13.21
CA GLN A 59 23.79 3.06 13.34
C GLN A 59 23.08 3.70 14.53
N GLY A 60 22.30 2.93 15.28
CA GLY A 60 21.70 3.40 16.51
C GLY A 60 20.37 4.13 16.38
N TYR A 61 19.64 3.91 15.28
CA TYR A 61 18.33 4.53 15.11
C TYR A 61 17.35 4.03 16.17
N ASP A 62 16.39 4.87 16.50
CA ASP A 62 15.43 4.59 17.56
C ASP A 62 14.19 3.83 17.08
N ALA A 63 13.81 4.03 15.84
CA ALA A 63 12.66 3.34 15.25
C ALA A 63 12.85 3.19 13.76
N ILE A 64 12.27 2.13 13.20
CA ILE A 64 12.28 1.87 11.78
C ILE A 64 10.86 1.54 11.36
N ILE A 65 10.39 2.18 10.29
CA ILE A 65 9.04 2.04 9.75
C ILE A 65 9.22 1.56 8.32
N VAL A 66 8.70 0.38 7.98
CA VAL A 66 9.00 -0.24 6.69
C VAL A 66 7.76 -0.79 6.00
N SER A 67 7.67 -0.60 4.68
CA SER A 67 6.66 -1.25 3.87
C SER A 67 7.32 -2.47 3.24
N ALA A 68 6.97 -3.64 3.73
CA ALA A 68 7.71 -4.85 3.42
C ALA A 68 7.39 -5.44 2.06
N VAL A 69 8.43 -5.84 1.33
CA VAL A 69 8.24 -6.49 0.03
C VAL A 69 7.86 -7.96 0.17
N SER A 70 7.99 -8.49 1.39
CA SER A 70 7.82 -9.93 1.67
C SER A 70 7.28 -10.10 3.10
N PRO A 71 6.38 -11.04 3.35
CA PRO A 71 5.95 -11.28 4.74
C PRO A 71 7.06 -11.83 5.63
N ASP A 72 7.99 -12.61 5.08
CA ASP A 72 8.99 -13.34 5.87
C ASP A 72 10.45 -12.88 5.67
N GLY A 73 10.74 -12.24 4.54
CA GLY A 73 12.13 -11.99 4.16
C GLY A 73 12.90 -11.05 5.08
N LEU A 74 12.19 -10.12 5.69
CA LEU A 74 12.80 -9.13 6.58
C LEU A 74 12.85 -9.60 8.02
N CYS A 75 12.27 -10.75 8.32
CA CYS A 75 12.05 -11.13 9.72
C CYS A 75 13.33 -11.28 10.55
N PRO A 76 14.37 -11.96 10.08
CA PRO A 76 15.61 -12.00 10.87
C PRO A 76 16.15 -10.61 11.25
N ALA A 77 16.18 -9.68 10.32
CA ALA A 77 16.70 -8.35 10.59
C ALA A 77 15.80 -7.57 11.55
N LEU A 78 14.49 -7.71 11.39
CA LEU A 78 13.54 -7.01 12.24
C LEU A 78 13.50 -7.60 13.65
N LYS A 79 13.65 -8.91 13.76
CA LYS A 79 13.72 -9.54 15.07
C LYS A 79 14.98 -9.11 15.81
N ARG A 80 16.11 -9.00 15.11
CA ARG A 80 17.34 -8.48 15.70
C ARG A 80 17.13 -7.05 16.19
N ALA A 81 16.46 -6.23 15.38
CA ALA A 81 16.15 -4.86 15.76
C ALA A 81 15.37 -4.81 17.06
N MET A 82 14.32 -5.63 17.15
CA MET A 82 13.45 -5.63 18.32
C MET A 82 14.16 -6.18 19.56
N GLN A 83 15.04 -7.16 19.36
CA GLN A 83 15.87 -7.69 20.44
C GLN A 83 16.74 -6.60 21.05
N ARG A 84 17.14 -5.63 20.21
CA ARG A 84 17.97 -4.50 20.63
C ARG A 84 17.18 -3.26 21.08
N GLY A 85 15.86 -3.36 21.12
CA GLY A 85 15.02 -2.28 21.61
C GLY A 85 14.71 -1.19 20.59
N VAL A 86 14.99 -1.44 19.31
CA VAL A 86 14.59 -0.54 18.25
C VAL A 86 13.11 -0.77 17.99
N LYS A 87 12.32 0.31 17.93
CA LYS A 87 10.88 0.16 17.67
C LYS A 87 10.68 -0.17 16.20
N ILE A 88 9.91 -1.21 15.92
CA ILE A 88 9.66 -1.65 14.55
C ILE A 88 8.18 -1.50 14.22
N LEU A 89 7.91 -0.74 13.17
CA LEU A 89 6.58 -0.56 12.63
C LEU A 89 6.61 -0.92 11.17
N THR A 90 5.50 -1.42 10.67
CA THR A 90 5.29 -1.53 9.23
C THR A 90 4.25 -0.51 8.83
N TRP A 91 4.29 -0.14 7.56
CA TRP A 91 3.26 0.72 6.99
C TRP A 91 3.01 0.20 5.60
N ASP A 92 1.78 0.34 5.10
CA ASP A 92 1.42 -0.02 3.73
C ASP A 92 1.37 -1.54 3.56
N SER A 93 2.53 -2.20 3.52
CA SER A 93 2.62 -3.64 3.42
C SER A 93 3.27 -4.22 4.67
N ASP A 94 2.57 -5.14 5.31
CA ASP A 94 2.96 -5.69 6.59
C ASP A 94 4.01 -6.79 6.41
N THR A 95 4.62 -7.17 7.53
CA THR A 95 5.32 -8.44 7.64
C THR A 95 4.38 -9.38 8.41
N LYS A 96 4.86 -10.55 8.80
CA LYS A 96 4.16 -11.36 9.80
C LYS A 96 4.03 -10.51 11.07
N PRO A 97 2.91 -10.60 11.78
CA PRO A 97 2.69 -9.79 12.99
C PRO A 97 3.74 -9.97 14.11
N GLU A 98 4.38 -11.14 14.17
CA GLU A 98 5.45 -11.39 15.14
C GLU A 98 6.79 -10.73 14.76
N CYS A 99 6.88 -10.20 13.55
CA CYS A 99 8.10 -9.55 13.06
C CYS A 99 8.09 -8.03 13.20
N ARG A 100 7.03 -7.49 13.79
CA ARG A 100 6.92 -6.05 13.98
C ARG A 100 6.05 -5.78 15.21
N SER A 101 5.88 -4.51 15.56
CA SER A 101 5.00 -4.17 16.66
C SER A 101 3.68 -3.62 16.12
N TYR A 102 3.73 -2.55 15.34
CA TYR A 102 2.50 -1.93 14.81
C TYR A 102 2.52 -1.84 13.30
N TYR A 103 1.37 -2.07 12.69
CA TYR A 103 1.17 -1.94 11.25
C TYR A 103 0.24 -0.77 11.00
N ILE A 104 0.75 0.24 10.29
CA ILE A 104 0.01 1.45 9.96
C ILE A 104 -0.64 1.18 8.61
N ASN A 105 -1.95 0.92 8.67
CA ASN A 105 -2.66 0.18 7.64
C ASN A 105 -3.76 1.02 6.99
N GLN A 106 -3.70 1.17 5.69
CA GLN A 106 -4.70 1.90 4.92
C GLN A 106 -6.10 1.29 4.95
N GLY A 107 -6.22 -0.01 5.23
CA GLY A 107 -7.52 -0.65 5.26
C GLY A 107 -7.43 -2.15 5.42
N THR A 108 -8.51 -2.76 5.88
CA THR A 108 -8.53 -4.21 6.00
C THR A 108 -8.60 -4.83 4.59
N PRO A 109 -8.15 -6.07 4.45
CA PRO A 109 -8.29 -6.76 3.17
C PRO A 109 -9.74 -6.78 2.66
N LYS A 110 -10.72 -6.92 3.55
CA LYS A 110 -12.11 -6.89 3.14
C LYS A 110 -12.48 -5.53 2.57
N GLN A 111 -12.06 -4.45 3.22
CA GLN A 111 -12.36 -3.09 2.75
C GLN A 111 -11.74 -2.82 1.38
N LEU A 112 -10.48 -3.17 1.22
CA LEU A 112 -9.73 -2.82 0.03
C LEU A 112 -10.11 -3.73 -1.13
N GLY A 113 -10.28 -5.02 -0.85
CA GLY A 113 -10.82 -5.96 -1.82
C GLY A 113 -12.19 -5.51 -2.32
N SER A 114 -13.04 -5.05 -1.41
CA SER A 114 -14.38 -4.58 -1.78
C SER A 114 -14.32 -3.34 -2.67
N MET A 115 -13.43 -2.40 -2.35
CA MET A 115 -13.23 -1.20 -3.16
C MET A 115 -12.91 -1.58 -4.61
N LEU A 116 -12.00 -2.52 -4.77
CA LEU A 116 -11.55 -2.93 -6.10
C LEU A 116 -12.70 -3.50 -6.90
N VAL A 117 -13.47 -4.38 -6.27
CA VAL A 117 -14.55 -5.06 -6.96
C VAL A 117 -15.71 -4.10 -7.24
N GLU A 118 -16.02 -3.23 -6.28
CA GLU A 118 -17.07 -2.23 -6.46
C GLU A 118 -16.75 -1.27 -7.62
N MET A 119 -15.50 -0.83 -7.72
CA MET A 119 -15.08 0.03 -8.82
C MET A 119 -15.25 -0.70 -10.16
N ALA A 120 -14.82 -1.95 -10.22
CA ALA A 120 -14.95 -2.76 -11.42
C ALA A 120 -16.42 -2.94 -11.80
N ALA A 121 -17.26 -3.29 -10.83
CA ALA A 121 -18.67 -3.58 -11.09
C ALA A 121 -19.42 -2.37 -11.59
N HIS A 122 -19.07 -1.19 -11.08
CA HIS A 122 -19.76 0.04 -11.48
C HIS A 122 -19.64 0.28 -12.98
N GLN A 123 -18.46 -0.03 -13.53
CA GLN A 123 -18.21 0.17 -14.95
C GLN A 123 -18.57 -1.00 -15.84
N VAL A 124 -18.39 -2.21 -15.34
CA VAL A 124 -18.68 -3.41 -16.14
C VAL A 124 -20.20 -3.55 -16.32
N ASP A 125 -20.94 -3.46 -15.23
CA ASP A 125 -22.41 -3.47 -15.21
C ASP A 125 -23.06 -4.54 -16.11
N LYS A 126 -22.52 -5.74 -16.04
CA LYS A 126 -23.15 -6.89 -16.68
C LYS A 126 -22.77 -8.14 -15.92
N GLU A 127 -23.59 -9.16 -16.07
CA GLU A 127 -23.41 -10.38 -15.31
C GLU A 127 -22.28 -11.25 -15.85
N LYS A 128 -22.15 -11.35 -17.16
CA LYS A 128 -21.11 -12.15 -17.79
C LYS A 128 -19.98 -11.24 -18.26
N ALA A 129 -18.81 -11.42 -17.68
CA ALA A 129 -17.68 -10.55 -18.01
C ALA A 129 -16.39 -11.32 -17.83
N LYS A 130 -15.33 -10.81 -18.46
CA LYS A 130 -13.99 -11.36 -18.33
C LYS A 130 -13.10 -10.30 -17.71
N VAL A 131 -12.35 -10.69 -16.68
CA VAL A 131 -11.54 -9.75 -15.92
C VAL A 131 -10.13 -10.29 -15.72
N ALA A 132 -9.17 -9.39 -15.63
CA ALA A 132 -7.77 -9.72 -15.40
C ALA A 132 -7.31 -9.02 -14.14
N PHE A 133 -6.51 -9.70 -13.33
CA PHE A 133 -5.80 -9.06 -12.23
C PHE A 133 -4.37 -8.78 -12.64
N PHE A 134 -3.86 -7.65 -12.21
CA PHE A 134 -2.53 -7.21 -12.63
C PHE A 134 -1.95 -6.39 -11.49
N TYR A 135 -0.92 -6.92 -10.84
CA TYR A 135 -0.30 -6.20 -9.74
C TYR A 135 1.18 -6.53 -9.64
N SER A 136 1.82 -6.22 -8.52
CA SER A 136 3.28 -6.22 -8.50
C SER A 136 3.92 -7.62 -8.48
N SER A 137 3.55 -8.44 -7.51
CA SER A 137 4.21 -9.73 -7.35
C SER A 137 3.33 -10.71 -6.62
N PRO A 138 3.57 -12.01 -6.81
CA PRO A 138 2.79 -13.04 -6.13
C PRO A 138 3.15 -13.23 -4.66
N THR A 139 4.16 -12.54 -4.16
CA THR A 139 4.61 -12.71 -2.78
C THR A 139 4.45 -11.48 -1.90
N VAL A 140 4.28 -10.29 -2.46
CA VAL A 140 4.20 -9.08 -1.63
C VAL A 140 3.00 -9.17 -0.68
N THR A 141 3.19 -8.70 0.54
CA THR A 141 2.20 -8.97 1.58
C THR A 141 0.85 -8.34 1.30
N ASP A 142 0.83 -7.03 1.11
CA ASP A 142 -0.42 -6.29 1.06
C ASP A 142 -1.29 -6.67 -0.12
N GLN A 143 -0.73 -6.64 -1.32
CA GLN A 143 -1.55 -6.79 -2.51
C GLN A 143 -2.12 -8.19 -2.59
N ASN A 144 -1.39 -9.18 -2.11
CA ASN A 144 -1.92 -10.54 -2.10
C ASN A 144 -3.02 -10.75 -1.06
N GLN A 145 -2.95 -10.07 0.08
CA GLN A 145 -4.06 -10.10 1.03
C GLN A 145 -5.32 -9.51 0.41
N TRP A 146 -5.17 -8.38 -0.29
CA TRP A 146 -6.33 -7.72 -0.88
C TRP A 146 -6.93 -8.51 -2.04
N VAL A 147 -6.07 -9.09 -2.86
CA VAL A 147 -6.51 -9.80 -4.05
C VAL A 147 -7.22 -11.10 -3.66
N LYS A 148 -6.77 -11.75 -2.59
CA LYS A 148 -7.49 -12.92 -2.10
C LYS A 148 -8.93 -12.56 -1.77
N GLU A 149 -9.14 -11.43 -1.09
CA GLU A 149 -10.48 -11.00 -0.74
C GLU A 149 -11.28 -10.57 -1.96
N ALA A 150 -10.64 -9.86 -2.89
CA ALA A 150 -11.33 -9.42 -4.10
C ALA A 150 -11.79 -10.61 -4.94
N LYS A 151 -10.94 -11.62 -5.06
CA LYS A 151 -11.29 -12.81 -5.82
C LYS A 151 -12.44 -13.59 -5.15
N ALA A 152 -12.44 -13.65 -3.82
CA ALA A 152 -13.51 -14.31 -3.09
C ALA A 152 -14.83 -13.56 -3.35
N LYS A 153 -14.77 -12.24 -3.27
CA LYS A 153 -15.95 -11.40 -3.48
C LYS A 153 -16.51 -11.57 -4.90
N ILE A 154 -15.63 -11.61 -5.88
CA ILE A 154 -16.06 -11.85 -7.27
C ILE A 154 -16.73 -13.20 -7.42
N SER A 155 -16.15 -14.24 -6.82
CA SER A 155 -16.70 -15.57 -6.95
C SER A 155 -18.10 -15.65 -6.34
N GLN A 156 -18.34 -14.88 -5.28
CA GLN A 156 -19.62 -14.92 -4.55
C GLN A 156 -20.68 -14.00 -5.17
N GLU A 157 -20.29 -12.78 -5.51
CA GLU A 157 -21.23 -11.72 -5.87
C GLU A 157 -21.33 -11.47 -7.37
N HIS A 158 -20.36 -11.98 -8.13
CA HIS A 158 -20.36 -11.84 -9.59
C HIS A 158 -20.03 -13.19 -10.23
N PRO A 159 -20.90 -14.18 -10.04
CA PRO A 159 -20.60 -15.56 -10.48
C PRO A 159 -20.43 -15.72 -12.00
N GLY A 160 -20.97 -14.79 -12.78
CA GLY A 160 -20.78 -14.79 -14.21
C GLY A 160 -19.48 -14.16 -14.69
N TRP A 161 -18.69 -13.59 -13.79
CA TRP A 161 -17.37 -13.08 -14.15
C TRP A 161 -16.36 -14.22 -14.16
N GLU A 162 -15.48 -14.22 -15.15
CA GLU A 162 -14.36 -15.15 -15.22
C GLU A 162 -13.08 -14.36 -15.11
N ILE A 163 -12.22 -14.75 -14.17
CA ILE A 163 -10.88 -14.20 -14.08
C ILE A 163 -10.03 -14.97 -15.08
N VAL A 164 -9.65 -14.33 -16.17
CA VAL A 164 -8.95 -15.01 -17.26
C VAL A 164 -7.45 -15.07 -17.06
N THR A 165 -6.89 -14.14 -16.28
CA THR A 165 -5.44 -14.15 -16.03
C THR A 165 -5.11 -13.31 -14.81
N THR A 166 -3.99 -13.64 -14.18
CA THR A 166 -3.39 -12.85 -13.11
C THR A 166 -1.91 -12.75 -13.42
N GLN A 167 -1.42 -11.53 -13.64
CA GLN A 167 -0.04 -11.31 -14.01
C GLN A 167 0.60 -10.18 -13.22
N PHE A 168 1.91 -10.05 -13.37
CA PHE A 168 2.74 -9.26 -12.48
C PHE A 168 3.68 -8.32 -13.19
N GLY A 169 3.88 -7.13 -12.62
CA GLY A 169 4.72 -6.09 -13.19
C GLY A 169 5.91 -5.69 -12.35
N TYR A 170 6.01 -6.23 -11.13
CA TYR A 170 7.20 -6.10 -10.28
C TYR A 170 7.64 -4.67 -9.95
N ASN A 171 6.68 -3.75 -9.90
CA ASN A 171 6.95 -2.33 -9.64
C ASN A 171 8.00 -1.73 -10.57
N ASP A 172 8.01 -2.21 -11.79
CA ASP A 172 8.96 -1.81 -12.82
C ASP A 172 8.11 -1.26 -13.97
N ALA A 173 8.30 0.01 -14.33
CA ALA A 173 7.46 0.64 -15.34
C ALA A 173 7.55 -0.06 -16.70
N THR A 174 8.75 -0.50 -17.07
CA THR A 174 8.97 -1.16 -18.37
C THR A 174 8.32 -2.52 -18.41
N LYS A 175 8.58 -3.34 -17.40
CA LYS A 175 7.96 -4.66 -17.30
C LYS A 175 6.45 -4.56 -17.17
N SER A 176 5.96 -3.56 -16.43
CA SER A 176 4.53 -3.40 -16.22
C SER A 176 3.83 -3.06 -17.54
N LEU A 177 4.41 -2.17 -18.33
CA LEU A 177 3.82 -1.81 -19.61
C LEU A 177 3.79 -3.01 -20.55
N GLN A 178 4.89 -3.75 -20.62
CA GLN A 178 4.95 -4.95 -21.47
C GLN A 178 3.93 -5.99 -21.04
N THR A 179 3.79 -6.21 -19.74
CA THR A 179 2.82 -7.17 -19.23
C THR A 179 1.39 -6.74 -19.57
N ALA A 180 1.09 -5.46 -19.38
CA ALA A 180 -0.25 -4.94 -19.65
C ALA A 180 -0.60 -5.03 -21.13
N GLU A 181 0.34 -4.67 -22.00
CA GLU A 181 0.11 -4.81 -23.43
C GLU A 181 -0.13 -6.26 -23.81
N GLY A 182 0.60 -7.17 -23.17
CA GLY A 182 0.45 -8.60 -23.40
C GLY A 182 -0.92 -9.11 -23.01
N ILE A 183 -1.46 -8.63 -21.90
CA ILE A 183 -2.79 -9.01 -21.45
C ILE A 183 -3.85 -8.57 -22.45
N ILE A 184 -3.77 -7.32 -22.86
CA ILE A 184 -4.76 -6.74 -23.77
C ILE A 184 -4.72 -7.44 -25.13
N LYS A 185 -3.53 -7.80 -25.60
CA LYS A 185 -3.40 -8.52 -26.88
C LYS A 185 -3.91 -9.95 -26.78
N ALA A 186 -3.64 -10.61 -25.66
CA ALA A 186 -3.95 -12.04 -25.51
C ALA A 186 -5.42 -12.30 -25.22
N TYR A 187 -6.11 -11.31 -24.65
CA TYR A 187 -7.49 -11.46 -24.23
C TYR A 187 -8.36 -10.36 -24.82
N PRO A 188 -8.66 -10.43 -26.12
CA PRO A 188 -9.49 -9.41 -26.77
C PRO A 188 -10.90 -9.31 -26.16
N ASP A 189 -11.40 -10.42 -25.62
CA ASP A 189 -12.62 -10.42 -24.82
C ASP A 189 -12.19 -10.19 -23.37
N LEU A 190 -12.01 -8.92 -23.04
CA LEU A 190 -11.67 -8.51 -21.69
C LEU A 190 -12.50 -7.29 -21.37
N ASP A 191 -13.18 -7.31 -20.23
CA ASP A 191 -14.03 -6.19 -19.82
C ASP A 191 -13.41 -5.31 -18.75
N ALA A 192 -12.48 -5.86 -17.96
CA ALA A 192 -11.84 -5.08 -16.91
C ALA A 192 -10.45 -5.60 -16.58
N ILE A 193 -9.56 -4.66 -16.26
CA ILE A 193 -8.31 -4.96 -15.57
C ILE A 193 -8.42 -4.34 -14.19
N ILE A 194 -8.16 -5.15 -13.17
CA ILE A 194 -8.13 -4.73 -11.78
C ILE A 194 -6.68 -4.74 -11.35
N ALA A 195 -6.15 -3.56 -11.01
CA ALA A 195 -4.72 -3.34 -10.86
C ALA A 195 -4.40 -2.65 -9.54
N PRO A 196 -4.38 -3.41 -8.45
CA PRO A 196 -4.12 -2.85 -7.12
C PRO A 196 -2.63 -2.64 -6.84
N ASP A 197 -1.99 -1.84 -7.68
CA ASP A 197 -0.57 -1.54 -7.54
C ASP A 197 -0.27 -0.23 -8.25
N ALA A 198 0.53 0.60 -7.61
CA ALA A 198 0.74 1.98 -8.05
C ALA A 198 1.40 2.09 -9.42
N ASN A 199 2.20 1.09 -9.81
CA ASN A 199 2.79 1.02 -11.15
C ASN A 199 1.94 0.28 -12.16
N ALA A 200 1.25 -0.77 -11.73
CA ALA A 200 0.45 -1.58 -12.64
C ALA A 200 -0.72 -0.78 -13.21
N LEU A 201 -1.36 0.06 -12.39
CA LEU A 201 -2.52 0.80 -12.85
C LEU A 201 -2.19 1.77 -13.99
N PRO A 202 -1.22 2.68 -13.85
CA PRO A 202 -0.89 3.53 -14.99
C PRO A 202 -0.33 2.76 -16.20
N ALA A 203 0.38 1.66 -15.97
CA ALA A 203 0.84 0.82 -17.07
C ALA A 203 -0.32 0.24 -17.87
N ALA A 204 -1.35 -0.22 -17.17
CA ALA A 204 -2.53 -0.77 -17.83
C ALA A 204 -3.23 0.31 -18.65
N ALA A 205 -3.36 1.51 -18.09
CA ALA A 205 -3.98 2.62 -18.79
C ALA A 205 -3.17 2.97 -20.05
N GLN A 206 -1.85 3.06 -19.90
CA GLN A 206 -0.98 3.39 -21.02
C GLN A 206 -1.05 2.30 -22.10
N ALA A 207 -1.07 1.05 -21.68
CA ALA A 207 -1.17 -0.06 -22.63
C ALA A 207 -2.47 0.02 -23.44
N ALA A 208 -3.57 0.35 -22.77
CA ALA A 208 -4.86 0.47 -23.45
C ALA A 208 -4.82 1.60 -24.49
N GLU A 209 -4.19 2.71 -24.13
CA GLU A 209 -4.03 3.83 -25.07
C GLU A 209 -3.14 3.43 -26.24
N ASN A 210 -2.01 2.78 -25.95
CA ASN A 210 -1.06 2.37 -26.99
C ASN A 210 -1.70 1.46 -28.02
N LEU A 211 -2.59 0.58 -27.56
CA LEU A 211 -3.22 -0.42 -28.41
C LEU A 211 -4.61 0.01 -28.91
N LYS A 212 -5.02 1.24 -28.56
CA LYS A 212 -6.30 1.81 -28.99
C LYS A 212 -7.45 0.90 -28.59
N ARG A 213 -7.35 0.37 -27.37
CA ARG A 213 -8.37 -0.48 -26.79
C ARG A 213 -9.39 0.42 -26.14
N ASN A 214 -10.65 0.27 -26.55
CA ASN A 214 -11.76 1.06 -26.04
C ASN A 214 -12.73 0.22 -25.22
N ASN A 215 -13.48 0.88 -24.35
CA ASN A 215 -14.50 0.24 -23.51
C ASN A 215 -13.92 -0.84 -22.57
N LEU A 216 -12.70 -0.64 -22.13
CA LEU A 216 -12.08 -1.49 -21.14
C LEU A 216 -12.08 -0.74 -19.81
N ALA A 217 -12.70 -1.33 -18.79
CA ALA A 217 -12.67 -0.76 -17.45
C ALA A 217 -11.30 -1.03 -16.85
N ILE A 218 -10.63 0.02 -16.41
CA ILE A 218 -9.31 -0.09 -15.81
C ILE A 218 -9.39 0.58 -14.46
N VAL A 219 -9.37 -0.23 -13.41
CA VAL A 219 -9.51 0.25 -12.05
C VAL A 219 -8.36 -0.31 -11.23
N GLY A 220 -8.10 0.29 -10.08
CA GLY A 220 -7.01 -0.15 -9.25
C GLY A 220 -6.63 0.91 -8.25
N PHE A 221 -5.40 0.82 -7.76
CA PHE A 221 -4.88 1.72 -6.74
C PHE A 221 -3.60 2.39 -7.25
N SER A 222 -3.60 3.72 -7.25
CA SER A 222 -2.38 4.50 -7.53
C SER A 222 -2.60 5.93 -7.02
N THR A 223 -1.63 6.83 -7.25
CA THR A 223 -1.72 8.18 -6.72
C THR A 223 -2.38 9.14 -7.71
N PRO A 224 -3.03 10.17 -7.20
CA PRO A 224 -3.65 11.19 -8.07
C PRO A 224 -2.69 11.86 -9.04
N ASN A 225 -1.48 12.21 -8.63
CA ASN A 225 -0.57 12.90 -9.53
C ASN A 225 -0.11 12.02 -10.68
N VAL A 226 0.04 10.72 -10.44
CA VAL A 226 0.39 9.77 -11.49
C VAL A 226 -0.80 9.51 -12.41
N MET A 227 -1.99 9.41 -11.83
CA MET A 227 -3.16 9.00 -12.61
C MET A 227 -3.88 10.13 -13.32
N ARG A 228 -3.61 11.37 -12.95
CA ARG A 228 -4.38 12.50 -13.46
C ARG A 228 -4.43 12.55 -15.00
N PRO A 229 -3.31 12.35 -15.71
CA PRO A 229 -3.38 12.38 -17.18
C PRO A 229 -4.32 11.32 -17.78
N TYR A 230 -4.32 10.13 -17.18
CA TYR A 230 -5.16 9.02 -17.63
C TYR A 230 -6.62 9.26 -17.31
N VAL A 231 -6.90 9.93 -16.20
CA VAL A 231 -8.25 10.32 -15.85
C VAL A 231 -8.71 11.44 -16.79
N GLN A 232 -7.85 12.40 -17.09
CA GLN A 232 -8.19 13.47 -18.02
C GLN A 232 -8.50 12.93 -19.41
N ARG A 233 -7.75 11.92 -19.86
CA ARG A 233 -7.99 11.36 -21.17
C ARG A 233 -9.19 10.41 -21.20
N GLY A 234 -9.69 10.02 -20.04
CA GLY A 234 -10.86 9.16 -19.93
C GLY A 234 -10.55 7.68 -19.92
N THR A 235 -9.28 7.32 -20.00
CA THR A 235 -8.86 5.94 -20.01
C THR A 235 -9.17 5.26 -18.68
N VAL A 236 -9.01 6.01 -17.61
CA VAL A 236 -9.39 5.58 -16.27
C VAL A 236 -10.48 6.53 -15.76
N LYS A 237 -11.64 5.95 -15.45
CA LYS A 237 -12.76 6.75 -14.93
C LYS A 237 -12.74 6.85 -13.41
N GLU A 238 -12.24 5.81 -12.76
CA GLU A 238 -12.24 5.73 -11.30
C GLU A 238 -11.08 4.87 -10.84
N PHE A 239 -10.46 5.29 -9.76
CA PHE A 239 -9.48 4.45 -9.06
C PHE A 239 -9.54 4.80 -7.59
N GLY A 240 -8.86 4.00 -6.77
CA GLY A 240 -8.89 4.20 -5.34
C GLY A 240 -7.51 4.40 -4.76
N LEU A 241 -7.49 5.08 -3.61
CA LEU A 241 -6.33 5.08 -2.75
C LEU A 241 -6.79 5.59 -1.37
N TRP A 242 -5.97 6.42 -0.76
CA TRP A 242 -6.12 6.89 0.60
C TRP A 242 -5.06 7.99 0.70
N ASP A 243 -5.07 8.75 1.78
CA ASP A 243 -4.14 9.85 1.91
C ASP A 243 -2.80 9.31 2.39
N VAL A 244 -1.92 8.98 1.44
CA VAL A 244 -0.64 8.37 1.76
C VAL A 244 0.29 9.34 2.48
N VAL A 245 0.14 10.64 2.24
CA VAL A 245 0.90 11.62 3.00
C VAL A 245 0.52 11.53 4.48
N GLN A 246 -0.78 11.49 4.75
CA GLN A 246 -1.27 11.31 6.11
C GLN A 246 -0.84 9.96 6.69
N GLN A 247 -0.75 8.92 5.87
CA GLN A 247 -0.29 7.62 6.35
C GLN A 247 1.15 7.71 6.86
N GLY A 248 2.01 8.37 6.11
CA GLY A 248 3.38 8.58 6.55
C GLY A 248 3.44 9.38 7.84
N LYS A 249 2.62 10.41 7.93
CA LYS A 249 2.50 11.23 9.14
C LYS A 249 2.08 10.38 10.33
N ILE A 250 1.02 9.60 10.16
CA ILE A 250 0.52 8.78 11.25
C ILE A 250 1.59 7.81 11.72
N SER A 251 2.35 7.24 10.79
CA SER A 251 3.35 6.27 11.17
C SER A 251 4.40 6.89 12.10
N VAL A 252 4.82 8.12 11.81
CA VAL A 252 5.79 8.81 12.65
C VAL A 252 5.19 9.23 14.01
N TYR A 253 3.93 9.65 14.02
CA TYR A 253 3.27 9.95 15.30
C TYR A 253 3.12 8.70 16.16
N VAL A 254 2.85 7.55 15.56
CA VAL A 254 2.75 6.31 16.32
C VAL A 254 4.14 5.93 16.85
N ALA A 255 5.17 6.03 16.01
CA ALA A 255 6.53 5.74 16.47
C ALA A 255 6.92 6.66 17.62
N ASN A 256 6.58 7.94 17.52
CA ASN A 256 6.83 8.91 18.58
C ASN A 256 6.17 8.49 19.88
N ALA A 257 4.91 8.07 19.79
CA ALA A 257 4.19 7.61 20.97
C ALA A 257 4.92 6.45 21.65
N LEU A 258 5.44 5.52 20.85
CA LEU A 258 6.20 4.39 21.40
C LEU A 258 7.47 4.85 22.08
N LEU A 259 8.16 5.81 21.47
CA LEU A 259 9.39 6.34 22.04
C LEU A 259 9.14 7.12 23.33
N LYS A 260 7.91 7.65 23.48
CA LYS A 260 7.50 8.37 24.68
C LYS A 260 6.77 7.47 25.68
N ASN A 261 6.72 6.17 25.38
CA ASN A 261 6.10 5.16 26.25
C ASN A 261 4.63 5.42 26.54
N MET A 262 3.92 5.98 25.57
CA MET A 262 2.48 6.19 25.72
C MET A 262 1.77 4.86 25.62
N PRO A 263 0.63 4.71 26.29
CA PRO A 263 -0.14 3.46 26.21
C PRO A 263 -0.64 3.22 24.79
N MET A 264 -0.25 2.09 24.22
CA MET A 264 -0.59 1.76 22.84
C MET A 264 -0.90 0.28 22.68
N ASN A 265 -1.60 -0.28 23.67
CA ASN A 265 -2.13 -1.62 23.53
C ASN A 265 -3.44 -1.57 22.75
N VAL A 266 -3.93 -2.73 22.36
CA VAL A 266 -5.19 -2.80 21.61
C VAL A 266 -6.27 -2.09 22.41
N GLY A 267 -6.99 -1.18 21.76
CA GLY A 267 -8.05 -0.39 22.40
C GLY A 267 -7.64 1.04 22.70
N ASP A 268 -6.34 1.29 22.81
CA ASP A 268 -5.83 2.63 23.12
C ASP A 268 -5.86 3.53 21.89
N SER A 269 -5.95 4.84 22.13
CA SER A 269 -5.99 5.83 21.05
C SER A 269 -4.90 6.88 21.19
N LEU A 270 -4.70 7.64 20.12
CA LEU A 270 -3.63 8.62 20.03
C LEU A 270 -4.13 9.83 19.25
N ASP A 271 -3.96 11.02 19.82
CA ASP A 271 -4.34 12.26 19.16
C ASP A 271 -3.25 12.69 18.19
N ILE A 272 -3.63 12.99 16.95
CA ILE A 272 -2.70 13.49 15.94
C ILE A 272 -3.28 14.77 15.32
N PRO A 273 -2.50 15.84 15.26
CA PRO A 273 -2.99 17.10 14.66
C PRO A 273 -3.47 16.96 13.21
N GLY A 274 -4.63 17.53 12.90
CA GLY A 274 -5.17 17.51 11.55
C GLY A 274 -5.87 16.20 11.18
N ILE A 275 -5.88 15.24 12.09
CA ILE A 275 -6.50 13.93 11.87
C ILE A 275 -7.59 13.66 12.90
N GLY A 276 -7.28 13.92 14.17
CA GLY A 276 -8.21 13.69 15.27
C GLY A 276 -7.70 12.59 16.16
N LYS A 277 -8.30 11.40 16.04
CA LYS A 277 -7.92 10.24 16.83
C LYS A 277 -7.66 9.04 15.92
N VAL A 278 -6.60 8.30 16.21
CA VAL A 278 -6.39 6.98 15.64
C VAL A 278 -6.36 5.97 16.79
N THR A 279 -6.66 4.72 16.48
CA THR A 279 -6.82 3.69 17.50
C THR A 279 -6.03 2.44 17.14
N VAL A 280 -5.57 1.71 18.17
CA VAL A 280 -4.92 0.43 17.97
C VAL A 280 -5.98 -0.67 17.91
N SER A 281 -6.08 -1.29 16.75
CA SER A 281 -7.00 -2.39 16.48
C SER A 281 -6.28 -3.72 16.63
N PRO A 282 -7.02 -4.80 16.87
CA PRO A 282 -6.39 -6.13 16.94
C PRO A 282 -5.87 -6.59 15.57
N ASN A 283 -4.88 -7.46 15.62
CA ASN A 283 -4.34 -8.09 14.42
C ASN A 283 -5.36 -8.91 13.65
N SER A 284 -6.41 -9.37 14.33
CA SER A 284 -7.48 -10.13 13.69
C SER A 284 -8.22 -9.34 12.61
N GLU A 285 -8.12 -8.01 12.64
CA GLU A 285 -8.69 -7.17 11.59
C GLU A 285 -8.08 -7.45 10.21
N GLN A 286 -6.83 -7.90 10.19
CA GLN A 286 -6.13 -8.28 8.95
C GLN A 286 -6.26 -9.77 8.64
N GLY A 287 -6.92 -10.52 9.52
CA GLY A 287 -7.10 -11.96 9.36
C GLY A 287 -6.07 -12.79 10.10
N TYR A 288 -5.17 -12.15 10.86
CA TYR A 288 -4.15 -12.86 11.61
C TYR A 288 -4.67 -13.43 12.93
N HIS A 289 -4.04 -14.50 13.38
CA HIS A 289 -4.15 -14.95 14.76
C HIS A 289 -2.83 -14.68 15.47
N TYR A 290 -2.74 -13.55 16.14
CA TYR A 290 -1.56 -13.17 16.90
C TYR A 290 -1.95 -12.00 17.76
N GLU A 291 -1.83 -12.10 19.07
CA GLU A 291 -1.93 -10.90 19.89
C GLU A 291 -0.87 -10.94 20.99
N ALA A 292 -0.34 -9.76 21.26
CA ALA A 292 0.71 -9.57 22.25
C ALA A 292 0.63 -8.14 22.77
N LYS A 293 1.19 -7.95 23.96
CA LYS A 293 1.37 -6.62 24.53
C LYS A 293 2.18 -5.77 23.54
N GLY A 294 1.75 -4.53 23.32
CA GLY A 294 2.48 -3.59 22.49
C GLY A 294 2.55 -3.99 21.03
N ASN A 295 1.42 -4.48 20.51
CA ASN A 295 1.35 -5.02 19.15
C ASN A 295 -0.08 -4.86 18.61
N GLY A 296 -0.23 -4.33 17.42
CA GLY A 296 -1.53 -4.24 16.78
C GLY A 296 -1.49 -3.44 15.49
N ILE A 297 -2.66 -3.03 15.04
CA ILE A 297 -2.83 -2.38 13.75
C ILE A 297 -3.48 -1.03 13.93
N VAL A 298 -2.93 0.00 13.31
CA VAL A 298 -3.53 1.33 13.33
C VAL A 298 -4.10 1.61 11.94
N LEU A 299 -5.42 1.61 11.84
CA LEU A 299 -6.13 1.78 10.57
C LEU A 299 -6.29 3.26 10.24
N LEU A 300 -6.10 3.61 8.98
CA LEU A 300 -6.38 4.95 8.51
C LEU A 300 -7.89 5.21 8.64
N PRO A 301 -8.29 6.40 9.07
CA PRO A 301 -9.72 6.71 9.19
C PRO A 301 -10.53 6.55 7.89
N GLU A 302 -9.94 6.86 6.74
CA GLU A 302 -10.69 6.91 5.48
C GLU A 302 -9.86 6.40 4.30
N ARG A 303 -10.56 5.82 3.33
CA ARG A 303 -10.01 5.63 1.99
C ARG A 303 -10.77 6.54 1.03
N VAL A 304 -10.26 6.67 -0.18
CA VAL A 304 -10.80 7.63 -1.14
C VAL A 304 -10.97 7.01 -2.52
N ILE A 305 -12.13 7.23 -3.13
CA ILE A 305 -12.36 6.94 -4.52
C ILE A 305 -12.13 8.23 -5.32
N PHE A 306 -11.22 8.16 -6.28
CA PHE A 306 -10.90 9.28 -7.15
C PHE A 306 -11.58 9.15 -8.50
N ASN A 307 -12.10 10.26 -9.00
CA ASN A 307 -12.63 10.33 -10.35
C ASN A 307 -12.43 11.74 -10.90
N LYS A 308 -13.04 12.06 -12.03
CA LYS A 308 -12.80 13.36 -12.64
C LYS A 308 -13.23 14.51 -11.75
N ASP A 309 -14.22 14.28 -10.90
CA ASP A 309 -14.80 15.33 -10.06
C ASP A 309 -13.85 15.80 -8.96
N ASN A 310 -13.12 14.88 -8.34
CA ASN A 310 -12.35 15.22 -7.16
C ASN A 310 -10.84 15.11 -7.32
N ILE A 311 -10.34 14.63 -8.45
CA ILE A 311 -8.92 14.33 -8.56
C ILE A 311 -8.03 15.57 -8.40
N ASP A 312 -8.50 16.73 -8.85
CA ASP A 312 -7.70 17.95 -8.75
C ASP A 312 -7.63 18.54 -7.33
N LYS A 313 -8.40 17.99 -6.39
CA LYS A 313 -8.31 18.40 -4.98
C LYS A 313 -7.05 17.88 -4.28
N TYR A 314 -6.43 16.85 -4.84
CA TYR A 314 -5.37 16.11 -4.15
C TYR A 314 -4.05 16.28 -4.86
N ASP A 315 -3.00 16.58 -4.09
CA ASP A 315 -1.67 16.80 -4.64
C ASP A 315 -0.70 15.85 -3.95
N PHE A 316 -0.73 14.60 -4.36
CA PHE A 316 0.26 13.62 -3.92
C PHE A 316 0.34 12.45 -4.90
#